data_1MXB
#
_entry.id   1MXB
#
_cell.length_a   128.900
_cell.length_b   128.900
_cell.length_c   139.800
_cell.angle_alpha   90.00
_cell.angle_beta   90.00
_cell.angle_gamma   120.00
#
_symmetry.space_group_name_H-M   'P 62 2 2'
#
loop_
_entity.id
_entity.type
_entity.pdbx_description
1 polymer 'S-ADENOSYLMETHIONINE SYNTHETASE'
2 non-polymer 'PHOSPHATE ION'
3 non-polymer 'MAGNESIUM ION'
4 non-polymer 'POTASSIUM ION'
5 non-polymer "ADENOSINE-5'-DIPHOSPHATE"
#
_entity_poly.entity_id   1
_entity_poly.type   'polypeptide(L)'
_entity_poly.pdbx_seq_one_letter_code
;AKHLFTSESVSEGHPDKIADQISDAVLDAILEQDPKARVACETYVKTGMVLVGGEITTSAWVDIEEITRNTVREIGYVHS
DMGFDANSCAVLSAIGKQSPDINQGVDRADPLEQGAGDQGLMFGYATNETDVLMPAPITYAHRLVQRQAEVRKNGTLPWL
RPDAKSQVTFQYDDGKIVGIDAVVLSTQHSEEIDQKSLQEAVMEEIIKPILPAEWLTSATKFFINPTGRFVIGGPMGDCG
LTGRKIIVDTYGGMARHGGGAFSGKDPSKVDRSAAYAARYVAKNIVAAGLADRCEIQVSYAIGVAEPTSIMVETFGTEKV
PSEQLTLLVREFFDLRPYGLIQMLDLLHPIYKETAAYGHFGREHFPWEKTDKAQLLRDAAGLK
;
_entity_poly.pdbx_strand_id   A
#
# COMPACT_ATOMS: atom_id res chain seq x y z
N ALA A 1 7.62 -21.28 18.23
CA ALA A 1 8.90 -20.90 18.79
C ALA A 1 8.65 -19.41 18.91
N LYS A 2 9.06 -18.87 20.04
CA LYS A 2 8.99 -17.45 20.26
C LYS A 2 9.98 -16.82 19.30
N HIS A 3 9.56 -15.75 18.64
CA HIS A 3 10.35 -15.09 17.62
C HIS A 3 9.63 -13.80 17.31
N LEU A 4 10.40 -12.74 17.06
CA LEU A 4 9.88 -11.40 16.96
C LEU A 4 9.91 -10.99 15.51
N PHE A 5 9.00 -10.14 15.10
CA PHE A 5 8.99 -9.71 13.73
C PHE A 5 8.56 -8.27 13.76
N THR A 6 9.18 -7.48 12.87
CA THR A 6 8.86 -6.07 12.82
C THR A 6 8.36 -5.62 11.45
N SER A 7 7.55 -4.56 11.42
CA SER A 7 7.14 -3.92 10.20
C SER A 7 6.98 -2.44 10.50
N GLU A 8 7.37 -1.53 9.58
CA GLU A 8 7.21 -0.10 9.76
C GLU A 8 6.02 0.36 8.93
N SER A 9 5.46 1.55 9.19
CA SER A 9 4.63 2.27 8.23
C SER A 9 4.94 3.76 8.36
N VAL A 10 4.49 4.58 7.41
CA VAL A 10 4.70 6.02 7.46
C VAL A 10 3.37 6.68 7.16
N SER A 11 3.22 7.97 7.42
CA SER A 11 1.99 8.67 7.12
C SER A 11 2.03 9.25 5.72
N GLU A 12 0.83 9.69 5.31
CA GLU A 12 0.66 10.68 4.26
C GLU A 12 1.52 11.88 4.67
N GLY A 13 2.16 12.53 3.74
CA GLY A 13 3.06 13.60 4.16
C GLY A 13 4.43 13.16 4.62
N HIS A 14 4.77 11.89 4.82
CA HIS A 14 6.16 11.48 4.81
C HIS A 14 6.67 11.63 3.36
N PRO A 15 7.82 12.18 2.95
CA PRO A 15 8.10 12.60 1.57
C PRO A 15 7.93 11.53 0.51
N ASP A 16 8.30 10.27 0.79
CA ASP A 16 8.14 9.23 -0.22
C ASP A 16 6.68 9.06 -0.59
N LYS A 17 5.83 9.11 0.44
CA LYS A 17 4.42 8.85 0.24
C LYS A 17 3.76 10.05 -0.39
N ILE A 18 4.31 11.26 -0.24
CA ILE A 18 3.75 12.42 -0.90
C ILE A 18 3.87 12.15 -2.40
N ALA A 19 5.07 11.75 -2.79
CA ALA A 19 5.35 11.45 -4.18
C ALA A 19 4.43 10.35 -4.73
N ASP A 20 4.12 9.31 -3.96
CA ASP A 20 3.19 8.28 -4.38
C ASP A 20 1.83 8.87 -4.66
N GLN A 21 1.27 9.53 -3.63
CA GLN A 21 -0.02 10.17 -3.71
C GLN A 21 -0.14 11.11 -4.89
N ILE A 22 0.82 11.99 -5.16
CA ILE A 22 0.80 12.82 -6.37
C ILE A 22 0.75 11.97 -7.64
N SER A 23 1.60 10.95 -7.77
CA SER A 23 1.60 10.11 -8.96
C SER A 23 0.22 9.52 -9.14
N ASP A 24 -0.32 8.81 -8.15
CA ASP A 24 -1.63 8.22 -8.29
C ASP A 24 -2.72 9.25 -8.43
N ALA A 25 -2.55 10.49 -7.95
CA ALA A 25 -3.56 11.50 -8.16
C ALA A 25 -3.62 11.93 -9.62
N VAL A 26 -2.48 12.01 -10.29
CA VAL A 26 -2.42 12.23 -11.73
C VAL A 26 -3.02 11.04 -12.48
N LEU A 27 -2.73 9.81 -12.05
CA LEU A 27 -3.32 8.63 -12.63
C LEU A 27 -4.81 8.74 -12.55
N ASP A 28 -5.37 8.97 -11.37
CA ASP A 28 -6.80 9.06 -11.24
C ASP A 28 -7.40 10.11 -12.13
N ALA A 29 -6.80 11.30 -12.13
CA ALA A 29 -7.28 12.38 -12.98
C ALA A 29 -7.36 12.03 -14.46
N ILE A 30 -6.34 11.37 -14.98
CA ILE A 30 -6.33 10.94 -16.37
C ILE A 30 -7.37 9.86 -16.54
N LEU A 31 -7.39 8.83 -15.72
CA LEU A 31 -8.34 7.75 -15.79
C LEU A 31 -9.81 8.17 -15.74
N GLU A 32 -10.11 9.25 -15.05
CA GLU A 32 -11.46 9.82 -15.00
C GLU A 32 -11.92 10.26 -16.38
N GLN A 33 -11.03 10.84 -17.16
CA GLN A 33 -11.34 11.20 -18.53
C GLN A 33 -11.10 10.08 -19.53
N ASP A 34 -10.11 9.21 -19.31
CA ASP A 34 -9.75 8.21 -20.28
C ASP A 34 -9.29 6.96 -19.53
N PRO A 35 -10.14 6.01 -19.21
CA PRO A 35 -9.78 4.77 -18.53
C PRO A 35 -8.90 3.79 -19.28
N LYS A 36 -8.72 3.99 -20.58
CA LYS A 36 -7.80 3.15 -21.29
C LYS A 36 -6.40 3.76 -21.35
N ALA A 37 -6.21 4.99 -20.85
CA ALA A 37 -4.92 5.65 -20.85
C ALA A 37 -3.84 4.79 -20.26
N ARG A 38 -2.65 4.91 -20.83
CA ARG A 38 -1.51 4.21 -20.30
C ARG A 38 -0.74 5.29 -19.57
N VAL A 39 -0.44 5.17 -18.28
CA VAL A 39 0.44 6.14 -17.62
C VAL A 39 1.56 5.46 -16.84
N ALA A 40 2.73 6.10 -16.82
CA ALA A 40 3.78 5.80 -15.86
C ALA A 40 4.27 7.18 -15.45
N CYS A 41 3.79 7.67 -14.32
CA CYS A 41 4.10 8.98 -13.78
C CYS A 41 4.97 8.89 -12.51
N GLU A 42 6.28 9.13 -12.61
CA GLU A 42 7.20 9.09 -11.50
C GLU A 42 7.42 10.49 -10.92
N THR A 43 7.43 10.65 -9.61
CA THR A 43 7.45 11.95 -8.94
C THR A 43 8.60 11.98 -7.93
N TYR A 44 9.17 13.18 -7.80
CA TYR A 44 10.32 13.42 -6.96
C TYR A 44 10.00 14.67 -6.14
N VAL A 45 10.30 14.75 -4.86
CA VAL A 45 10.05 15.92 -4.04
C VAL A 45 11.28 16.14 -3.21
N LYS A 46 11.60 17.40 -3.00
CA LYS A 46 12.82 17.84 -2.33
C LYS A 46 12.44 19.24 -1.84
N THR A 47 13.25 19.97 -1.06
CA THR A 47 12.74 21.05 -0.22
C THR A 47 11.90 22.13 -0.92
N GLY A 48 12.27 22.49 -2.14
CA GLY A 48 11.45 23.51 -2.76
C GLY A 48 10.43 23.00 -3.74
N MET A 49 10.39 21.72 -4.08
CA MET A 49 9.98 21.40 -5.43
C MET A 49 9.40 20.01 -5.52
N VAL A 50 8.51 19.91 -6.49
CA VAL A 50 7.92 18.64 -6.85
C VAL A 50 8.25 18.47 -8.32
N LEU A 51 8.92 17.42 -8.78
CA LEU A 51 9.09 17.17 -10.21
C LEU A 51 8.16 16.02 -10.56
N VAL A 52 7.24 16.20 -11.50
CA VAL A 52 6.30 15.16 -11.86
C VAL A 52 6.75 14.83 -13.27
N GLY A 53 7.10 13.57 -13.50
CA GLY A 53 7.85 13.16 -14.67
C GLY A 53 7.33 11.84 -15.17
N GLY A 54 7.19 11.69 -16.47
CA GLY A 54 6.21 10.73 -16.91
C GLY A 54 6.33 10.31 -18.32
N GLU A 55 5.75 9.18 -18.64
CA GLU A 55 5.25 8.95 -19.98
C GLU A 55 3.76 8.63 -19.90
N ILE A 56 2.94 9.30 -20.69
CA ILE A 56 1.49 9.26 -20.60
C ILE A 56 0.96 9.09 -22.02
N THR A 57 0.23 8.04 -22.36
CA THR A 57 -0.41 8.03 -23.65
C THR A 57 -1.92 8.06 -23.49
N THR A 58 -2.51 9.20 -23.87
CA THR A 58 -3.89 9.51 -23.54
C THR A 58 -4.44 10.64 -24.40
N SER A 59 -5.77 10.62 -24.47
CA SER A 59 -6.51 11.73 -25.03
C SER A 59 -6.62 12.85 -24.03
N ALA A 60 -6.78 12.52 -22.75
CA ALA A 60 -7.05 13.48 -21.68
C ALA A 60 -6.15 14.71 -21.57
N TRP A 61 -6.69 15.70 -20.91
CA TRP A 61 -5.97 16.91 -20.60
C TRP A 61 -6.26 17.02 -19.12
N VAL A 62 -5.22 17.37 -18.39
CA VAL A 62 -5.26 17.31 -16.95
C VAL A 62 -4.24 18.35 -16.52
N ASP A 63 -4.41 19.02 -15.39
CA ASP A 63 -3.45 20.03 -14.99
C ASP A 63 -2.50 19.53 -13.90
N ILE A 64 -1.26 19.20 -14.28
CA ILE A 64 -0.29 18.64 -13.36
C ILE A 64 -0.04 19.57 -12.17
N GLU A 65 0.15 20.85 -12.42
CA GLU A 65 0.49 21.81 -11.38
C GLU A 65 -0.67 21.90 -10.41
N GLU A 66 -1.93 21.91 -10.91
CA GLU A 66 -3.09 22.03 -10.04
C GLU A 66 -3.22 20.76 -9.23
N ILE A 67 -3.25 19.60 -9.88
CA ILE A 67 -3.35 18.31 -9.21
C ILE A 67 -2.34 18.18 -8.08
N THR A 68 -1.08 18.48 -8.39
CA THR A 68 0.00 18.47 -7.41
C THR A 68 -0.35 19.35 -6.20
N ARG A 69 -0.70 20.62 -6.41
CA ARG A 69 -0.85 21.53 -5.30
C ARG A 69 -1.99 21.12 -4.41
N ASN A 70 -3.03 20.57 -5.01
CA ASN A 70 -4.16 20.15 -4.23
C ASN A 70 -3.81 18.95 -3.40
N THR A 71 -3.04 18.00 -3.94
CA THR A 71 -2.62 16.86 -3.15
C THR A 71 -1.74 17.30 -1.98
N VAL A 72 -0.83 18.27 -2.20
CA VAL A 72 0.03 18.72 -1.10
C VAL A 72 -0.76 19.49 -0.04
N ARG A 73 -1.77 20.24 -0.45
CA ARG A 73 -2.64 20.89 0.49
C ARG A 73 -3.50 19.92 1.31
N GLU A 74 -4.11 18.84 0.81
CA GLU A 74 -4.92 17.95 1.65
C GLU A 74 -4.06 17.22 2.68
N ILE A 75 -2.81 16.93 2.31
CA ILE A 75 -1.86 16.36 3.23
C ILE A 75 -1.61 17.34 4.37
N GLY A 76 -1.48 18.63 4.01
CA GLY A 76 -1.45 19.68 5.01
C GLY A 76 -0.26 20.60 4.93
N TYR A 77 0.61 20.51 3.93
CA TYR A 77 1.81 21.32 3.95
C TYR A 77 1.44 22.59 3.24
N VAL A 78 1.10 23.57 4.08
CA VAL A 78 0.53 24.82 3.62
C VAL A 78 1.19 26.09 4.20
N HIS A 79 2.45 26.02 4.66
CA HIS A 79 3.14 27.15 5.27
C HIS A 79 4.60 26.82 5.43
N SER A 80 5.48 27.81 5.24
CA SER A 80 6.91 27.53 5.22
C SER A 80 7.45 26.86 6.49
N ASP A 81 6.87 27.21 7.63
CA ASP A 81 7.29 26.76 8.95
C ASP A 81 7.19 25.26 9.12
N MET A 82 6.26 24.62 8.40
CA MET A 82 6.16 23.17 8.42
C MET A 82 7.33 22.49 7.73
N GLY A 83 7.81 23.23 6.74
CA GLY A 83 8.80 22.69 5.86
C GLY A 83 8.50 22.92 4.40
N PHE A 84 7.25 23.15 4.01
CA PHE A 84 6.86 23.00 2.62
C PHE A 84 5.48 23.61 2.49
N ASP A 85 5.24 24.47 1.51
CA ASP A 85 3.90 25.01 1.23
C ASP A 85 3.40 24.59 -0.15
N ALA A 86 2.20 24.02 -0.20
CA ALA A 86 1.55 23.62 -1.44
C ALA A 86 1.30 24.82 -2.31
N ASN A 87 1.09 26.00 -1.73
CA ASN A 87 0.71 27.13 -2.53
C ASN A 87 1.92 27.88 -3.05
N SER A 88 3.10 27.76 -2.46
CA SER A 88 4.27 28.41 -3.04
C SER A 88 5.38 27.51 -3.55
N CYS A 89 5.35 26.19 -3.35
CA CYS A 89 6.42 25.35 -3.86
C CYS A 89 6.48 25.35 -5.37
N ALA A 90 7.60 24.90 -5.92
CA ALA A 90 7.77 24.83 -7.37
C ALA A 90 7.22 23.50 -7.87
N VAL A 91 6.44 23.50 -8.95
CA VAL A 91 5.96 22.26 -9.52
C VAL A 91 6.57 22.26 -10.92
N LEU A 92 7.20 21.18 -11.32
CA LEU A 92 7.90 21.11 -12.58
C LEU A 92 7.39 19.83 -13.25
N SER A 93 6.98 19.88 -14.50
CA SER A 93 6.55 18.68 -15.20
C SER A 93 7.43 18.38 -16.38
N ALA A 94 7.59 17.09 -16.62
CA ALA A 94 8.40 16.60 -17.72
C ALA A 94 7.77 15.27 -18.13
N ILE A 95 6.56 15.40 -18.67
CA ILE A 95 5.76 14.23 -19.04
C ILE A 95 5.77 14.18 -20.55
N GLY A 96 6.07 13.04 -21.15
CA GLY A 96 5.93 12.93 -22.58
C GLY A 96 4.51 12.45 -22.82
N LYS A 97 3.74 13.17 -23.64
CA LYS A 97 2.39 12.75 -23.98
C LYS A 97 2.50 12.10 -25.35
N GLN A 98 1.76 11.01 -25.52
CA GLN A 98 1.51 10.46 -26.83
C GLN A 98 -0.02 10.38 -26.86
N SER A 99 -0.64 10.71 -27.98
CA SER A 99 -2.05 10.46 -28.15
C SER A 99 -2.17 9.12 -28.86
N PRO A 100 -3.26 8.35 -28.74
CA PRO A 100 -3.43 7.05 -29.39
C PRO A 100 -3.50 7.16 -30.91
N ASP A 101 -3.30 6.00 -31.55
CA ASP A 101 -3.43 5.83 -32.99
C ASP A 101 -4.90 5.50 -33.31
N ILE A 102 -5.49 6.19 -34.15
N ARG A 108 -4.48 -9.07 -30.95
CA ARG A 108 -4.80 -10.48 -30.99
C ARG A 108 -6.31 -10.47 -31.21
N ALA A 109 -6.97 -11.53 -31.70
CA ALA A 109 -8.37 -11.44 -32.01
C ALA A 109 -9.19 -11.32 -30.74
N ASP A 110 -8.78 -12.08 -29.71
CA ASP A 110 -9.36 -11.94 -28.38
C ASP A 110 -8.51 -10.96 -27.60
N PRO A 111 -9.06 -9.81 -27.19
CA PRO A 111 -8.42 -8.86 -26.30
C PRO A 111 -7.82 -9.54 -25.09
N LEU A 112 -8.48 -10.55 -24.48
CA LEU A 112 -7.90 -11.20 -23.32
C LEU A 112 -6.55 -11.84 -23.57
N GLU A 113 -6.31 -12.29 -24.79
CA GLU A 113 -5.07 -12.98 -25.07
C GLU A 113 -3.93 -12.00 -25.29
N GLN A 114 -4.11 -10.67 -25.19
CA GLN A 114 -3.00 -9.73 -25.31
C GLN A 114 -1.94 -10.03 -24.26
N GLY A 115 -0.72 -10.06 -24.75
CA GLY A 115 0.44 -10.36 -23.93
C GLY A 115 0.80 -9.31 -22.89
N ALA A 116 1.65 -9.70 -21.95
CA ALA A 116 2.10 -8.85 -20.87
C ALA A 116 3.02 -7.79 -21.41
N GLY A 117 2.86 -6.56 -20.92
CA GLY A 117 3.76 -5.47 -21.27
C GLY A 117 4.73 -5.34 -20.11
N ASP A 118 5.98 -5.66 -20.40
CA ASP A 118 7.04 -5.97 -19.41
C ASP A 118 6.87 -7.32 -18.73
N GLN A 119 8.08 -7.80 -18.47
CA GLN A 119 8.48 -9.00 -17.77
C GLN A 119 8.17 -8.84 -16.27
N GLY A 120 8.28 -9.87 -15.43
CA GLY A 120 8.43 -9.61 -14.00
C GLY A 120 7.86 -10.67 -13.08
N LEU A 121 7.90 -10.40 -11.76
CA LEU A 121 7.38 -11.30 -10.74
C LEU A 121 6.63 -10.47 -9.71
N MET A 122 5.51 -11.03 -9.27
CA MET A 122 4.65 -10.41 -8.30
C MET A 122 4.34 -11.47 -7.26
N PHE A 123 4.12 -11.10 -5.99
CA PHE A 123 3.79 -12.02 -4.90
C PHE A 123 2.55 -11.49 -4.22
N GLY A 124 1.76 -12.33 -3.57
CA GLY A 124 0.59 -11.86 -2.86
C GLY A 124 0.42 -12.74 -1.64
N TYR A 125 -0.20 -12.25 -0.58
CA TYR A 125 -0.24 -12.98 0.67
C TYR A 125 -1.58 -12.82 1.38
N ALA A 126 -1.88 -13.80 2.21
CA ALA A 126 -2.97 -13.70 3.17
C ALA A 126 -2.60 -14.63 4.30
N THR A 127 -3.16 -14.35 5.47
CA THR A 127 -2.93 -15.11 6.68
C THR A 127 -4.20 -14.92 7.45
N ASN A 128 -4.65 -15.93 8.17
CA ASN A 128 -5.85 -15.78 8.99
C ASN A 128 -5.61 -15.00 10.27
N GLU A 129 -4.43 -14.44 10.50
CA GLU A 129 -4.12 -13.75 11.74
C GLU A 129 -4.72 -12.37 11.95
N THR A 130 -5.30 -11.65 10.98
CA THR A 130 -6.14 -10.52 11.36
C THR A 130 -7.51 -10.66 10.74
N ASP A 131 -8.40 -9.80 11.24
CA ASP A 131 -9.75 -9.61 10.74
C ASP A 131 -9.76 -9.44 9.22
N VAL A 132 -8.81 -8.66 8.71
CA VAL A 132 -8.64 -8.40 7.28
C VAL A 132 -7.81 -9.37 6.45
N LEU A 133 -7.44 -10.49 7.06
CA LEU A 133 -6.59 -11.50 6.42
C LEU A 133 -5.25 -10.95 5.93
N MET A 134 -4.70 -10.09 6.76
CA MET A 134 -3.42 -9.45 6.52
C MET A 134 -2.56 -9.78 7.73
N PRO A 135 -1.23 -9.64 7.73
CA PRO A 135 -0.41 -9.87 8.93
C PRO A 135 -0.69 -8.83 10.01
N ALA A 136 -0.70 -9.23 11.28
CA ALA A 136 -0.78 -8.31 12.39
C ALA A 136 0.20 -7.14 12.40
N PRO A 137 1.53 -7.22 12.17
CA PRO A 137 2.44 -6.09 12.30
C PRO A 137 2.10 -4.96 11.36
N ILE A 138 2.15 -5.19 10.06
CA ILE A 138 1.85 -4.14 9.10
C ILE A 138 0.45 -3.55 9.27
N THR A 139 -0.55 -4.35 9.66
CA THR A 139 -1.87 -3.84 9.96
C THR A 139 -1.87 -2.81 11.09
N TYR A 140 -1.29 -3.11 12.27
CA TYR A 140 -1.30 -2.15 13.37
C TYR A 140 -0.38 -1.00 13.08
N ALA A 141 0.75 -1.28 12.43
CA ALA A 141 1.69 -0.26 12.04
C ALA A 141 0.99 0.81 11.20
N HIS A 142 0.29 0.38 10.14
CA HIS A 142 -0.54 1.32 9.36
C HIS A 142 -1.54 1.99 10.28
N ARG A 143 -2.25 1.24 11.12
CA ARG A 143 -3.31 1.80 11.94
C ARG A 143 -2.76 2.87 12.90
N LEU A 144 -1.50 2.81 13.33
CA LEU A 144 -0.92 3.88 14.11
C LEU A 144 -0.79 5.17 13.32
N VAL A 145 -0.15 5.10 12.14
CA VAL A 145 0.01 6.31 11.34
C VAL A 145 -1.30 6.92 10.89
N GLN A 146 -2.28 6.06 10.59
CA GLN A 146 -3.60 6.50 10.14
C GLN A 146 -4.37 7.23 11.23
N ARG A 147 -4.20 6.73 12.45
CA ARG A 147 -4.80 7.36 13.60
C ARG A 147 -4.12 8.70 13.81
N GLN A 148 -2.80 8.77 13.65
CA GLN A 148 -2.12 10.06 13.76
C GLN A 148 -2.70 11.07 12.79
N ALA A 149 -2.83 10.71 11.51
CA ALA A 149 -3.39 11.58 10.50
C ALA A 149 -4.80 12.02 10.88
N GLU A 150 -5.61 11.08 11.39
CA GLU A 150 -6.98 11.32 11.82
C GLU A 150 -6.99 12.42 12.88
N VAL A 151 -6.35 12.23 14.03
CA VAL A 151 -6.41 13.20 15.11
C VAL A 151 -5.75 14.52 14.77
N ARG A 152 -4.78 14.47 13.85
CA ARG A 152 -4.20 15.66 13.27
C ARG A 152 -5.33 16.41 12.58
N LYS A 153 -5.98 15.70 11.66
CA LYS A 153 -6.90 16.33 10.75
C LYS A 153 -8.26 16.61 11.39
N ASN A 154 -8.63 16.07 12.56
CA ASN A 154 -9.94 16.34 13.16
C ASN A 154 -9.93 17.38 14.29
N GLY A 155 -8.87 18.16 14.45
CA GLY A 155 -8.84 19.18 15.46
C GLY A 155 -8.40 18.62 16.80
N THR A 156 -8.60 17.33 17.10
CA THR A 156 -8.28 16.77 18.40
C THR A 156 -6.89 17.10 18.87
N LEU A 157 -5.90 16.75 18.08
CA LEU A 157 -4.54 16.86 18.56
C LEU A 157 -3.78 17.77 17.62
N PRO A 158 -4.21 19.02 17.46
CA PRO A 158 -3.89 19.83 16.28
C PRO A 158 -2.48 20.41 16.27
N TRP A 159 -1.64 20.07 17.24
CA TRP A 159 -0.27 20.50 17.19
C TRP A 159 0.55 19.50 16.38
N LEU A 160 -0.02 18.33 16.06
CA LEU A 160 0.60 17.34 15.20
C LEU A 160 0.83 17.92 13.79
N ARG A 161 1.96 17.66 13.12
CA ARG A 161 2.13 18.15 11.76
C ARG A 161 2.15 16.96 10.80
N PRO A 162 2.24 16.99 9.47
CA PRO A 162 2.10 15.79 8.64
C PRO A 162 3.03 14.58 8.73
N ASP A 163 4.34 14.76 8.89
CA ASP A 163 5.29 13.68 8.76
C ASP A 163 5.26 12.79 9.99
N ALA A 164 5.17 11.46 9.85
CA ALA A 164 5.16 10.56 10.99
C ALA A 164 5.58 9.18 10.54
N LYS A 165 6.30 8.43 11.38
CA LYS A 165 6.69 7.05 11.09
C LYS A 165 6.27 6.21 12.29
N SER A 166 5.93 4.95 12.09
CA SER A 166 5.52 4.03 13.14
C SER A 166 6.15 2.68 12.88
N GLN A 167 6.30 1.87 13.90
CA GLN A 167 6.90 0.56 13.75
C GLN A 167 6.43 -0.20 14.96
N VAL A 168 6.05 -1.45 14.76
CA VAL A 168 5.58 -2.27 15.85
C VAL A 168 6.24 -3.63 15.67
N THR A 169 6.68 -4.19 16.78
CA THR A 169 7.31 -5.48 16.77
C THR A 169 6.45 -6.41 17.60
N PHE A 170 6.30 -7.61 17.08
CA PHE A 170 5.32 -8.54 17.58
C PHE A 170 6.07 -9.78 17.98
N GLN A 171 5.78 -10.34 19.15
CA GLN A 171 6.31 -11.63 19.50
C GLN A 171 5.25 -12.65 19.17
N TYR A 172 5.68 -13.62 18.39
CA TYR A 172 4.88 -14.73 17.98
C TYR A 172 5.52 -15.93 18.62
N ASP A 173 4.68 -16.87 19.02
CA ASP A 173 5.09 -18.21 19.32
C ASP A 173 4.16 -19.06 18.50
N ASP A 174 4.54 -20.24 18.05
CA ASP A 174 4.46 -20.38 16.61
C ASP A 174 3.14 -20.22 15.93
N GLY A 175 3.22 -19.15 15.13
CA GLY A 175 2.10 -18.58 14.41
C GLY A 175 1.08 -17.85 15.28
N LYS A 176 1.04 -18.02 16.60
CA LYS A 176 0.16 -17.23 17.44
C LYS A 176 0.92 -15.94 17.65
N ILE A 177 0.26 -14.84 17.33
CA ILE A 177 0.70 -13.55 17.82
C ILE A 177 0.50 -13.67 19.33
N VAL A 178 1.58 -13.61 20.09
CA VAL A 178 1.42 -13.57 21.53
C VAL A 178 1.20 -12.15 21.99
N GLY A 179 1.96 -11.15 21.52
CA GLY A 179 1.77 -9.79 21.99
C GLY A 179 2.78 -8.84 21.34
N ILE A 180 2.76 -7.60 21.81
CA ILE A 180 3.56 -6.55 21.22
C ILE A 180 4.72 -6.32 22.15
N ASP A 181 5.90 -6.59 21.63
CA ASP A 181 7.13 -6.37 22.34
C ASP A 181 7.42 -4.86 22.35
N ALA A 182 7.74 -4.24 21.22
CA ALA A 182 7.95 -2.80 21.20
C ALA A 182 7.12 -2.03 20.18
N VAL A 183 6.92 -0.74 20.42
CA VAL A 183 6.18 0.13 19.51
C VAL A 183 6.93 1.44 19.48
N VAL A 184 7.21 1.98 18.30
CA VAL A 184 7.94 3.23 18.17
C VAL A 184 7.09 4.17 17.34
N LEU A 185 6.98 5.45 17.68
CA LEU A 185 6.19 6.37 16.88
C LEU A 185 6.80 7.76 16.92
N SER A 186 7.00 8.42 15.78
CA SER A 186 7.67 9.71 15.75
C SER A 186 6.81 10.63 14.92
N THR A 187 6.50 11.84 15.38
CA THR A 187 5.51 12.69 14.75
C THR A 187 6.10 14.08 14.66
N GLN A 188 5.89 14.73 13.52
CA GLN A 188 6.23 16.10 13.40
C GLN A 188 5.23 16.83 14.29
N HIS A 189 5.60 17.98 14.82
CA HIS A 189 4.71 18.71 15.69
C HIS A 189 5.07 20.18 15.67
N SER A 190 4.19 21.07 16.12
CA SER A 190 4.49 22.49 16.19
C SER A 190 5.43 22.77 17.33
N GLU A 191 6.15 23.88 17.21
CA GLU A 191 7.07 24.41 18.20
C GLU A 191 6.31 24.64 19.51
N GLU A 192 5.01 24.89 19.34
CA GLU A 192 4.06 25.08 20.41
C GLU A 192 4.09 23.98 21.49
N ILE A 193 4.14 22.69 21.15
CA ILE A 193 3.98 21.66 22.17
C ILE A 193 5.30 21.17 22.81
N ASP A 194 5.24 20.86 24.09
CA ASP A 194 6.36 20.28 24.80
C ASP A 194 6.44 18.80 24.52
N GLN A 195 7.63 18.25 24.64
CA GLN A 195 7.85 16.84 24.39
C GLN A 195 7.14 15.89 25.32
N LYS A 196 7.06 16.21 26.60
CA LYS A 196 6.48 15.31 27.57
C LYS A 196 4.96 15.32 27.43
N SER A 197 4.34 16.48 27.22
CA SER A 197 2.92 16.56 26.97
C SER A 197 2.57 15.93 25.62
N LEU A 198 3.46 16.08 24.63
CA LEU A 198 3.35 15.36 23.37
C LEU A 198 3.17 13.89 23.63
N GLN A 199 4.08 13.29 24.41
CA GLN A 199 3.98 11.86 24.59
C GLN A 199 2.86 11.36 25.48
N GLU A 200 2.30 12.18 26.37
CA GLU A 200 1.02 11.87 27.02
C GLU A 200 -0.03 11.68 25.92
N ALA A 201 -0.21 12.69 25.06
CA ALA A 201 -1.24 12.69 24.04
C ALA A 201 -1.10 11.57 23.03
N VAL A 202 0.10 11.32 22.48
CA VAL A 202 0.31 10.23 21.55
C VAL A 202 -0.08 8.90 22.18
N MET A 203 0.37 8.68 23.40
CA MET A 203 0.05 7.50 24.14
C MET A 203 -1.46 7.37 24.41
N GLU A 204 -2.18 8.43 24.75
CA GLU A 204 -3.60 8.36 25.05
C GLU A 204 -4.45 8.20 23.81
N GLU A 205 -4.25 9.13 22.88
CA GLU A 205 -5.10 9.31 21.72
C GLU A 205 -4.76 8.49 20.49
N ILE A 206 -3.48 8.19 20.30
CA ILE A 206 -3.08 7.45 19.12
C ILE A 206 -2.81 5.99 19.49
N ILE A 207 -1.82 5.70 20.34
CA ILE A 207 -1.43 4.34 20.66
C ILE A 207 -2.50 3.55 21.44
N LYS A 208 -2.98 4.03 22.59
CA LYS A 208 -3.97 3.31 23.38
C LYS A 208 -5.26 2.94 22.66
N PRO A 209 -5.85 3.70 21.72
CA PRO A 209 -7.05 3.28 21.04
C PRO A 209 -6.78 2.30 19.88
N ILE A 210 -5.54 1.94 19.53
CA ILE A 210 -5.27 1.15 18.35
C ILE A 210 -4.63 -0.17 18.74
N LEU A 211 -3.70 -0.18 19.69
CA LEU A 211 -3.04 -1.43 20.02
C LEU A 211 -3.91 -2.21 20.99
N PRO A 212 -4.21 -3.47 20.70
CA PRO A 212 -5.08 -4.28 21.53
C PRO A 212 -4.47 -4.47 22.93
N ALA A 213 -5.22 -4.19 24.00
CA ALA A 213 -4.64 -4.06 25.32
C ALA A 213 -4.06 -5.36 25.87
N GLU A 214 -4.71 -6.45 25.53
CA GLU A 214 -4.27 -7.79 25.81
C GLU A 214 -2.89 -8.08 25.25
N TRP A 215 -2.59 -7.45 24.12
CA TRP A 215 -1.26 -7.49 23.55
C TRP A 215 -0.22 -6.62 24.25
N LEU A 216 -0.67 -5.60 24.96
CA LEU A 216 0.28 -4.71 25.61
C LEU A 216 0.60 -5.18 27.01
N THR A 217 1.88 -5.17 27.36
CA THR A 217 2.29 -5.72 28.63
C THR A 217 2.94 -4.62 29.43
N SER A 218 3.30 -5.01 30.66
CA SER A 218 4.22 -4.26 31.51
C SER A 218 5.57 -4.11 30.82
N ALA A 219 5.93 -5.06 29.96
CA ALA A 219 7.21 -5.02 29.31
C ALA A 219 7.24 -4.25 27.99
N THR A 220 6.12 -3.77 27.45
CA THR A 220 6.12 -3.23 26.12
C THR A 220 6.93 -1.93 26.03
N LYS A 221 8.06 -1.99 25.31
CA LYS A 221 8.97 -0.86 25.16
C LYS A 221 8.37 0.14 24.19
N PHE A 222 7.80 1.26 24.63
CA PHE A 222 7.24 2.24 23.71
C PHE A 222 8.28 3.30 23.47
N PHE A 223 8.63 3.66 22.25
CA PHE A 223 9.56 4.75 22.03
C PHE A 223 8.77 5.77 21.28
N ILE A 224 8.16 6.74 21.96
CA ILE A 224 7.47 7.82 21.28
C ILE A 224 8.47 8.96 21.06
N ASN A 225 8.57 9.62 19.90
CA ASN A 225 9.53 10.67 19.60
C ASN A 225 10.91 10.56 20.25
N PRO A 226 11.64 9.44 20.04
CA PRO A 226 12.84 9.08 20.79
C PRO A 226 13.98 10.08 20.74
N THR A 227 14.26 10.70 19.61
CA THR A 227 15.26 11.77 19.55
C THR A 227 14.63 13.14 19.76
N GLY A 228 13.32 13.10 19.91
CA GLY A 228 12.54 13.83 18.95
C GLY A 228 12.39 15.24 19.45
N ARG A 229 12.68 16.23 18.64
CA ARG A 229 11.70 17.26 18.48
C ARG A 229 11.68 17.35 16.99
N PHE A 230 10.62 16.76 16.51
CA PHE A 230 10.38 16.72 15.10
C PHE A 230 9.51 17.92 14.75
N VAL A 231 10.12 19.03 14.31
CA VAL A 231 9.35 20.23 14.02
C VAL A 231 9.17 20.54 12.52
N ILE A 232 10.24 20.55 11.73
CA ILE A 232 10.15 20.62 10.27
C ILE A 232 10.22 19.20 9.77
N GLY A 233 9.62 18.92 8.65
CA GLY A 233 9.65 17.57 8.13
C GLY A 233 9.05 17.68 6.77
N GLY A 234 8.47 16.58 6.31
CA GLY A 234 8.07 16.52 4.91
C GLY A 234 9.31 16.74 4.06
N PRO A 235 9.21 17.27 2.85
CA PRO A 235 10.34 17.39 1.94
C PRO A 235 11.47 18.28 2.45
N MET A 236 11.24 19.10 3.48
CA MET A 236 12.27 20.01 3.97
C MET A 236 13.43 19.18 4.46
N GLY A 237 14.53 19.20 3.71
CA GLY A 237 15.77 18.59 4.15
C GLY A 237 15.76 17.06 4.02
N ASP A 238 14.71 16.43 3.46
CA ASP A 238 14.71 15.01 3.13
C ASP A 238 14.39 14.93 1.63
N CYS A 239 13.90 13.82 1.05
CA CYS A 239 13.74 13.69 -0.39
C CYS A 239 12.84 12.48 -0.70
N GLY A 240 11.72 12.66 -1.40
CA GLY A 240 10.76 11.58 -1.59
C GLY A 240 10.68 11.24 -3.06
N LEU A 241 10.57 9.96 -3.36
CA LEU A 241 10.51 9.49 -4.73
C LEU A 241 9.47 8.40 -4.75
N THR A 242 8.65 8.27 -5.79
CA THR A 242 7.64 7.21 -5.84
C THR A 242 8.22 5.82 -5.87
N GLY A 243 7.60 4.86 -5.20
CA GLY A 243 8.09 3.51 -5.32
C GLY A 243 9.18 3.26 -4.32
N ARG A 244 9.37 4.14 -3.33
CA ARG A 244 10.28 3.80 -2.25
C ARG A 244 9.59 3.11 -1.09
N LYS A 245 8.33 3.38 -0.72
CA LYS A 245 7.67 2.58 0.32
C LYS A 245 6.90 1.33 -0.17
N ILE A 246 7.60 0.69 -1.07
CA ILE A 246 7.25 -0.60 -1.65
C ILE A 246 6.84 -1.67 -0.66
N ILE A 247 7.62 -1.94 0.38
CA ILE A 247 7.24 -2.81 1.49
C ILE A 247 6.04 -2.39 2.33
N VAL A 248 6.01 -1.11 2.73
CA VAL A 248 4.91 -0.60 3.53
C VAL A 248 3.60 -0.78 2.82
N ASP A 249 3.70 -0.47 1.54
CA ASP A 249 2.61 -0.66 0.62
C ASP A 249 1.98 -2.04 0.60
N THR A 250 2.85 -3.03 0.47
CA THR A 250 2.58 -4.45 0.65
C THR A 250 2.21 -5.08 2.01
N TYR A 251 3.14 -5.55 2.84
CA TYR A 251 2.87 -6.56 3.85
C TYR A 251 3.94 -6.46 4.93
N GLY A 252 4.61 -5.31 4.99
CA GLY A 252 5.64 -5.03 5.98
C GLY A 252 6.75 -6.06 6.05
N GLY A 253 7.00 -6.79 4.97
CA GLY A 253 8.10 -7.72 4.96
C GLY A 253 7.71 -9.07 5.50
N MET A 254 6.44 -9.34 5.80
CA MET A 254 6.01 -10.70 6.14
C MET A 254 6.17 -11.67 4.98
N ALA A 255 5.77 -11.19 3.80
CA ALA A 255 5.84 -11.93 2.55
C ALA A 255 6.79 -11.23 1.61
N ARG A 256 7.01 -11.84 0.45
CA ARG A 256 8.03 -11.37 -0.45
C ARG A 256 7.64 -10.23 -1.41
N HIS A 257 8.46 -9.86 -2.39
CA HIS A 257 8.11 -8.81 -3.34
C HIS A 257 8.94 -9.06 -4.60
N GLY A 258 8.41 -8.91 -5.82
CA GLY A 258 9.26 -8.70 -6.98
C GLY A 258 9.65 -7.24 -6.98
N GLY A 259 10.41 -6.60 -7.85
CA GLY A 259 10.89 -5.23 -7.59
C GLY A 259 9.86 -4.14 -7.26
N GLY A 260 8.59 -4.32 -7.62
CA GLY A 260 7.93 -3.30 -8.37
C GLY A 260 6.97 -2.39 -7.63
N ALA A 261 7.00 -1.14 -8.10
CA ALA A 261 6.15 -0.09 -7.57
C ALA A 261 4.75 -0.08 -8.15
N PHE A 262 3.79 0.51 -7.44
CA PHE A 262 2.44 0.54 -7.94
C PHE A 262 2.07 1.93 -8.43
N SER A 263 2.41 2.93 -7.62
CA SER A 263 1.97 4.27 -7.90
C SER A 263 2.49 4.88 -9.20
N GLY A 264 1.54 5.56 -9.82
CA GLY A 264 1.72 6.17 -11.10
C GLY A 264 1.64 5.16 -12.24
N LYS A 265 1.35 3.89 -11.99
CA LYS A 265 1.24 2.94 -13.06
C LYS A 265 -0.24 2.69 -13.25
N ASP A 266 -0.67 2.84 -14.49
CA ASP A 266 -2.02 2.47 -14.88
C ASP A 266 -2.12 0.94 -14.86
N PRO A 267 -3.32 0.33 -14.86
CA PRO A 267 -3.54 -1.09 -14.79
C PRO A 267 -2.93 -2.03 -15.83
N SER A 268 -2.57 -1.61 -17.04
CA SER A 268 -1.86 -2.47 -17.98
C SER A 268 -0.54 -3.01 -17.44
N LYS A 269 -0.01 -2.32 -16.40
CA LYS A 269 1.21 -2.73 -15.74
C LYS A 269 1.03 -3.90 -14.81
N VAL A 270 1.50 -5.07 -15.23
CA VAL A 270 1.49 -6.23 -14.36
C VAL A 270 2.10 -5.98 -13.01
N ASP A 271 3.15 -5.15 -12.90
CA ASP A 271 3.80 -4.82 -11.61
C ASP A 271 2.75 -4.52 -10.54
N ARG A 272 1.75 -3.74 -10.98
CA ARG A 272 0.62 -3.37 -10.14
C ARG A 272 -0.51 -4.38 -10.17
N SER A 273 -1.15 -4.55 -11.32
CA SER A 273 -2.39 -5.30 -11.40
C SER A 273 -2.19 -6.78 -11.11
N ALA A 274 -1.06 -7.37 -11.52
CA ALA A 274 -0.79 -8.76 -11.20
C ALA A 274 -0.64 -8.90 -9.71
N ALA A 275 0.06 -7.98 -9.04
CA ALA A 275 0.17 -8.02 -7.59
C ALA A 275 -1.19 -7.90 -6.91
N TYR A 276 -2.03 -6.97 -7.37
CA TYR A 276 -3.38 -6.86 -6.85
C TYR A 276 -4.16 -8.15 -7.02
N ALA A 277 -4.05 -8.76 -8.19
CA ALA A 277 -4.75 -10.01 -8.46
C ALA A 277 -4.22 -11.09 -7.56
N ALA A 278 -2.91 -11.16 -7.35
CA ALA A 278 -2.34 -12.16 -6.45
C ALA A 278 -2.90 -12.04 -5.04
N ARG A 279 -3.01 -10.82 -4.49
CA ARG A 279 -3.65 -10.63 -3.20
C ARG A 279 -5.03 -11.22 -3.20
N TYR A 280 -5.78 -10.95 -4.25
CA TYR A 280 -7.11 -11.48 -4.36
C TYR A 280 -7.08 -13.01 -4.38
N VAL A 281 -6.26 -13.70 -5.20
CA VAL A 281 -6.31 -15.17 -5.23
C VAL A 281 -5.97 -15.80 -3.88
N ALA A 282 -4.88 -15.37 -3.23
CA ALA A 282 -4.56 -15.77 -1.87
C ALA A 282 -5.66 -15.45 -0.87
N LYS A 283 -6.20 -14.24 -0.80
CA LYS A 283 -7.20 -13.89 0.20
C LYS A 283 -8.43 -14.80 0.04
N ASN A 284 -8.82 -15.09 -1.21
CA ASN A 284 -9.92 -15.99 -1.46
C ASN A 284 -9.62 -17.41 -0.97
N ILE A 285 -8.41 -17.93 -1.22
CA ILE A 285 -8.00 -19.23 -0.72
C ILE A 285 -8.15 -19.36 0.79
N VAL A 286 -7.67 -18.37 1.53
CA VAL A 286 -7.71 -18.40 2.98
C VAL A 286 -9.13 -18.24 3.49
N ALA A 287 -9.95 -17.39 2.87
CA ALA A 287 -11.32 -17.23 3.31
C ALA A 287 -12.15 -18.49 3.11
N ALA A 288 -11.86 -19.26 2.05
CA ALA A 288 -12.49 -20.55 1.85
C ALA A 288 -11.98 -21.64 2.81
N GLY A 289 -11.01 -21.32 3.67
CA GLY A 289 -10.44 -22.28 4.60
C GLY A 289 -9.61 -23.33 3.90
N LEU A 290 -9.11 -23.07 2.69
CA LEU A 290 -8.24 -24.03 2.05
C LEU A 290 -6.83 -24.03 2.64
N ALA A 291 -6.44 -23.01 3.41
CA ALA A 291 -5.15 -22.95 4.05
C ALA A 291 -5.24 -21.86 5.09
N ASP A 292 -4.24 -21.80 5.98
CA ASP A 292 -4.18 -20.76 7.00
C ASP A 292 -3.39 -19.56 6.51
N ARG A 293 -2.31 -19.83 5.77
CA ARG A 293 -1.39 -18.80 5.34
C ARG A 293 -1.03 -19.14 3.92
N CYS A 294 -1.09 -18.19 3.01
CA CYS A 294 -0.86 -18.48 1.62
C CYS A 294 -0.10 -17.32 1.01
N GLU A 295 0.97 -17.62 0.29
CA GLU A 295 1.75 -16.64 -0.47
C GLU A 295 1.82 -17.18 -1.89
N ILE A 296 1.66 -16.37 -2.93
CA ILE A 296 1.66 -16.82 -4.31
C ILE A 296 2.66 -15.99 -5.10
N GLN A 297 3.54 -16.59 -5.90
CA GLN A 297 4.34 -15.87 -6.87
C GLN A 297 3.75 -16.10 -8.27
N VAL A 298 3.43 -15.05 -9.02
CA VAL A 298 3.07 -15.20 -10.43
C VAL A 298 4.11 -14.41 -11.23
N SER A 299 4.53 -14.85 -12.41
CA SER A 299 5.50 -14.09 -13.17
C SER A 299 5.00 -13.96 -14.59
N TYR A 300 5.59 -13.08 -15.38
CA TYR A 300 5.18 -12.87 -16.75
C TYR A 300 6.39 -12.71 -17.63
N ALA A 301 6.27 -12.96 -18.92
CA ALA A 301 7.33 -12.56 -19.82
C ALA A 301 6.66 -11.69 -20.84
N ILE A 302 7.44 -10.72 -21.33
CA ILE A 302 6.98 -9.71 -22.26
C ILE A 302 6.48 -10.35 -23.54
N GLY A 303 5.25 -10.02 -23.91
CA GLY A 303 4.63 -10.51 -25.13
C GLY A 303 3.99 -11.90 -25.02
N VAL A 304 4.05 -12.57 -23.88
CA VAL A 304 3.34 -13.82 -23.66
C VAL A 304 2.16 -13.44 -22.78
N ALA A 305 1.03 -14.12 -22.88
CA ALA A 305 -0.14 -13.76 -22.11
C ALA A 305 -0.42 -14.67 -20.94
N GLU A 306 -0.16 -15.97 -21.06
CA GLU A 306 -0.27 -16.83 -19.90
C GLU A 306 0.94 -16.55 -19.00
N PRO A 307 0.84 -16.57 -17.67
CA PRO A 307 1.97 -16.45 -16.75
C PRO A 307 3.04 -17.51 -16.97
N THR A 308 4.30 -17.09 -16.95
CA THR A 308 5.39 -18.04 -17.02
C THR A 308 5.51 -18.92 -15.78
N SER A 309 5.05 -18.51 -14.60
CA SER A 309 5.10 -19.39 -13.46
C SER A 309 4.00 -19.00 -12.52
N ILE A 310 3.51 -19.99 -11.77
CA ILE A 310 2.68 -19.76 -10.60
C ILE A 310 3.34 -20.65 -9.54
N MET A 311 3.30 -20.24 -8.28
CA MET A 311 3.84 -21.03 -7.19
C MET A 311 2.91 -20.76 -6.02
N VAL A 312 2.36 -21.74 -5.29
CA VAL A 312 1.66 -21.42 -4.06
C VAL A 312 2.45 -22.01 -2.89
N GLU A 313 2.78 -21.20 -1.89
CA GLU A 313 3.35 -21.68 -0.66
C GLU A 313 2.26 -21.47 0.37
N THR A 314 1.67 -22.59 0.67
CA THR A 314 0.82 -22.72 1.82
C THR A 314 1.85 -23.33 2.76
N PHE A 315 2.12 -22.75 3.92
CA PHE A 315 3.30 -23.16 4.67
C PHE A 315 2.79 -24.26 5.58
N GLY A 316 2.67 -25.49 5.08
CA GLY A 316 2.19 -26.63 5.87
C GLY A 316 0.81 -26.42 6.47
N THR A 317 0.00 -25.52 5.91
CA THR A 317 -1.23 -25.07 6.52
C THR A 317 -2.44 -25.38 5.65
N GLU A 318 -2.25 -26.29 4.70
CA GLU A 318 -3.22 -26.60 3.66
C GLU A 318 -4.39 -27.32 4.30
N LYS A 319 -5.50 -27.40 3.60
CA LYS A 319 -6.56 -28.33 3.94
C LYS A 319 -6.78 -29.26 2.75
N VAL A 320 -6.06 -29.05 1.65
CA VAL A 320 -6.09 -29.87 0.45
C VAL A 320 -4.67 -29.82 -0.08
N PRO A 321 -4.06 -30.82 -0.72
CA PRO A 321 -2.67 -30.76 -1.17
C PRO A 321 -2.48 -29.71 -2.26
N SER A 322 -1.31 -29.09 -2.23
CA SER A 322 -0.95 -28.04 -3.18
C SER A 322 -1.16 -28.42 -4.63
N GLU A 323 -1.20 -29.68 -5.03
CA GLU A 323 -1.51 -30.01 -6.41
C GLU A 323 -2.92 -29.54 -6.79
N GLN A 324 -3.91 -30.04 -6.04
CA GLN A 324 -5.25 -29.52 -6.06
C GLN A 324 -5.32 -28.03 -5.85
N LEU A 325 -4.60 -27.45 -4.89
CA LEU A 325 -4.62 -26.00 -4.75
C LEU A 325 -4.18 -25.25 -5.98
N THR A 326 -3.00 -25.55 -6.53
CA THR A 326 -2.54 -24.92 -7.74
C THR A 326 -3.48 -25.21 -8.89
N LEU A 327 -4.20 -26.33 -8.91
CA LEU A 327 -5.26 -26.58 -9.87
C LEU A 327 -6.29 -25.45 -9.76
N LEU A 328 -6.92 -25.27 -8.60
CA LEU A 328 -7.97 -24.27 -8.47
C LEU A 328 -7.53 -22.84 -8.75
N VAL A 329 -6.29 -22.48 -8.36
CA VAL A 329 -5.74 -21.15 -8.58
C VAL A 329 -5.80 -20.85 -10.05
N ARG A 330 -5.16 -21.71 -10.84
CA ARG A 330 -5.08 -21.46 -12.27
C ARG A 330 -6.41 -21.68 -12.99
N GLU A 331 -7.48 -22.07 -12.29
CA GLU A 331 -8.77 -22.15 -12.95
C GLU A 331 -9.59 -20.93 -12.59
N PHE A 332 -9.91 -20.68 -11.32
CA PHE A 332 -10.91 -19.68 -10.93
C PHE A 332 -10.56 -18.23 -11.20
N PHE A 333 -9.35 -17.99 -11.69
CA PHE A 333 -8.78 -16.67 -11.78
C PHE A 333 -8.10 -16.61 -13.13
N ASP A 334 -8.48 -15.56 -13.88
CA ASP A 334 -7.84 -15.28 -15.14
C ASP A 334 -6.69 -14.37 -14.77
N LEU A 335 -5.51 -14.84 -15.10
CA LEU A 335 -4.29 -14.14 -14.76
C LEU A 335 -3.54 -13.69 -16.01
N ARG A 336 -4.20 -13.70 -17.16
CA ARG A 336 -3.67 -13.02 -18.33
C ARG A 336 -3.83 -11.53 -18.04
N PRO A 337 -2.88 -10.66 -18.40
CA PRO A 337 -2.92 -9.24 -18.09
C PRO A 337 -4.29 -8.63 -18.33
N TYR A 338 -4.92 -8.84 -19.49
CA TYR A 338 -6.21 -8.22 -19.68
C TYR A 338 -7.31 -8.94 -18.94
N GLY A 339 -7.08 -10.21 -18.65
CA GLY A 339 -8.03 -10.98 -17.88
C GLY A 339 -8.10 -10.45 -16.47
N LEU A 340 -6.98 -10.32 -15.76
CA LEU A 340 -7.05 -9.77 -14.43
C LEU A 340 -7.54 -8.35 -14.40
N ILE A 341 -7.30 -7.54 -15.43
CA ILE A 341 -7.92 -6.22 -15.50
C ILE A 341 -9.43 -6.34 -15.50
N GLN A 342 -9.95 -7.36 -16.16
CA GLN A 342 -11.38 -7.61 -16.20
C GLN A 342 -11.88 -8.23 -14.91
N MET A 343 -11.17 -9.20 -14.37
CA MET A 343 -11.60 -9.96 -13.21
C MET A 343 -11.85 -9.07 -12.00
N LEU A 344 -11.04 -8.01 -11.94
CA LEU A 344 -11.08 -7.07 -10.85
C LEU A 344 -11.62 -5.68 -11.20
N ASP A 345 -12.12 -5.47 -12.42
CA ASP A 345 -12.61 -4.19 -12.91
C ASP A 345 -11.88 -2.93 -12.48
N LEU A 346 -10.71 -2.84 -13.08
CA LEU A 346 -9.73 -1.86 -12.67
C LEU A 346 -9.77 -0.53 -13.38
N LEU A 347 -10.39 -0.40 -14.55
CA LEU A 347 -10.31 0.87 -15.29
C LEU A 347 -11.26 1.86 -14.67
N HIS A 348 -10.86 2.43 -13.54
CA HIS A 348 -11.68 3.35 -12.77
C HIS A 348 -10.72 4.16 -11.94
N PRO A 349 -10.96 5.45 -11.73
CA PRO A 349 -10.19 6.26 -10.79
C PRO A 349 -10.37 5.81 -9.34
N ILE A 350 -9.66 4.77 -8.89
CA ILE A 350 -9.77 4.34 -7.50
C ILE A 350 -8.42 4.38 -6.80
N TYR A 351 -7.42 4.96 -7.44
CA TYR A 351 -6.05 4.71 -7.07
C TYR A 351 -5.46 5.70 -6.11
N LYS A 352 -5.80 7.00 -6.00
CA LYS A 352 -5.16 7.88 -5.03
C LYS A 352 -5.33 7.35 -3.61
N GLU A 353 -6.48 6.76 -3.31
CA GLU A 353 -6.75 6.25 -1.98
C GLU A 353 -5.81 5.13 -1.60
N THR A 354 -5.32 4.42 -2.60
CA THR A 354 -4.36 3.35 -2.41
C THR A 354 -3.00 3.80 -1.85
N ALA A 355 -2.62 5.05 -2.09
CA ALA A 355 -1.23 5.47 -1.99
C ALA A 355 -0.66 5.81 -0.60
N ALA A 356 -1.52 5.70 0.40
CA ALA A 356 -1.11 5.87 1.78
C ALA A 356 -1.98 4.88 2.54
N TYR A 357 -1.41 4.26 3.58
CA TYR A 357 -2.11 3.37 4.50
C TYR A 357 -2.28 1.94 4.03
N GLY A 358 -1.70 1.65 2.87
CA GLY A 358 -1.54 0.28 2.45
C GLY A 358 -2.58 -0.07 1.42
N HIS A 359 -2.06 -0.79 0.45
CA HIS A 359 -2.85 -1.12 -0.71
C HIS A 359 -3.83 -2.23 -0.39
N PHE A 360 -3.46 -3.00 0.63
CA PHE A 360 -4.18 -4.20 0.99
C PHE A 360 -4.64 -4.07 2.42
N GLY A 361 -5.63 -4.86 2.78
CA GLY A 361 -6.18 -4.86 4.12
C GLY A 361 -7.37 -3.93 4.18
N ARG A 362 -7.67 -3.18 3.14
CA ARG A 362 -8.78 -2.26 3.23
C ARG A 362 -9.87 -2.78 2.33
N GLU A 363 -10.67 -3.63 2.93
CA GLU A 363 -11.78 -4.38 2.34
C GLU A 363 -12.58 -3.83 1.14
N HIS A 364 -12.63 -2.52 0.94
CA HIS A 364 -13.43 -1.93 -0.12
C HIS A 364 -12.62 -1.78 -1.40
N PHE A 365 -11.56 -2.54 -1.56
CA PHE A 365 -10.81 -2.47 -2.79
C PHE A 365 -11.21 -3.68 -3.58
N PRO A 366 -11.30 -3.64 -4.91
CA PRO A 366 -11.72 -4.78 -5.73
C PRO A 366 -10.93 -6.06 -5.49
N TRP A 367 -9.65 -5.93 -5.10
CA TRP A 367 -8.81 -7.08 -4.81
C TRP A 367 -8.97 -7.62 -3.40
N GLU A 368 -9.70 -6.91 -2.54
CA GLU A 368 -9.99 -7.35 -1.21
C GLU A 368 -11.31 -8.12 -1.08
N LYS A 369 -12.06 -8.34 -2.16
CA LYS A 369 -13.33 -9.07 -2.08
C LYS A 369 -13.12 -10.56 -2.02
N THR A 370 -13.97 -11.24 -1.27
CA THR A 370 -13.90 -12.68 -1.12
C THR A 370 -15.06 -13.45 -1.76
N ASP A 371 -15.48 -12.88 -2.88
CA ASP A 371 -16.58 -13.37 -3.68
C ASP A 371 -16.37 -14.81 -4.16
N LYS A 372 -15.14 -15.19 -4.46
CA LYS A 372 -14.87 -16.53 -4.92
C LYS A 372 -14.64 -17.54 -3.83
N ALA A 373 -14.73 -17.15 -2.56
CA ALA A 373 -14.51 -18.05 -1.44
C ALA A 373 -15.22 -19.38 -1.58
N GLN A 374 -16.56 -19.40 -1.71
CA GLN A 374 -17.29 -20.65 -1.73
C GLN A 374 -16.96 -21.53 -2.92
N LEU A 375 -16.86 -20.94 -4.11
CA LEU A 375 -16.71 -21.72 -5.34
C LEU A 375 -15.37 -22.45 -5.25
N LEU A 376 -14.38 -21.80 -4.65
CA LEU A 376 -13.11 -22.43 -4.33
C LEU A 376 -13.25 -23.56 -3.32
N ARG A 377 -14.03 -23.32 -2.28
CA ARG A 377 -14.30 -24.31 -1.26
C ARG A 377 -14.83 -25.60 -1.86
N ASP A 378 -15.85 -25.45 -2.72
CA ASP A 378 -16.54 -26.50 -3.44
C ASP A 378 -15.60 -27.35 -4.23
N ALA A 379 -15.07 -26.76 -5.30
CA ALA A 379 -14.18 -27.48 -6.19
C ALA A 379 -12.98 -28.06 -5.46
N ALA A 380 -12.53 -27.45 -4.37
CA ALA A 380 -11.46 -28.06 -3.58
C ALA A 380 -12.04 -29.05 -2.59
N GLY A 381 -12.84 -30.02 -3.05
CA GLY A 381 -13.47 -31.02 -2.20
C GLY A 381 -14.23 -30.40 -1.04
N LEU A 382 -15.47 -30.00 -1.32
CA LEU A 382 -16.37 -29.41 -0.35
C LEU A 382 -16.36 -29.99 1.07
N LYS A 383 -16.39 -29.01 1.96
CA LYS A 383 -16.42 -29.17 3.41
C LYS A 383 -17.09 -27.93 4.00
#